data_4JNX
#
_entry.id   4JNX
#
_cell.length_a   89.917
_cell.length_b   89.917
_cell.length_c   148.353
_cell.angle_alpha   90.000
_cell.angle_beta   90.000
_cell.angle_gamma   120.000
#
_symmetry.space_group_name_H-M   'H 3'
#
loop_
_entity.id
_entity.type
_entity.pdbx_description
1 polymer 'RNA silencing suppressor p19'
2 polymer "5'-R(P*GP*CP*UP*GP*CP*UP*GP*CP*UP*GP*CP*UP*GP*CP*UP*GP*CP*UP*GP*C)-3'"
3 non-polymer 'SULFATE ION'
4 non-polymer 'MAGNESIUM ION'
5 water water
#
loop_
_entity_poly.entity_id
_entity_poly.type
_entity_poly.pdbx_seq_one_letter_code
_entity_poly.pdbx_strand_id
1 'polypeptide(L)'
;GSHMTSPFKLPDESPSWTEWRLHNDETNSNQDNPLGFKESWGFGKVVFKRYLRYDRTEASLHRVLGSWTGDSVNYAASRF
FGFDQIGCTYSIRFRGVSITVSGGSRTLQHLCEMAIRSKQELLQLAP
;
A,D
2 'polyribonucleotide' GCUGCUGCUGCUGCUGCUGC B,G
#
# COMPACT_ATOMS: atom_id res chain seq x y z
N SER A 2 -0.43 29.65 8.16
CA SER A 2 -0.36 29.83 6.67
C SER A 2 -1.48 29.06 5.93
N HIS A 3 -2.60 28.85 6.64
CA HIS A 3 -3.80 28.12 6.17
C HIS A 3 -3.70 27.54 4.75
N MET A 4 -3.58 26.21 4.70
CA MET A 4 -3.34 25.50 3.46
C MET A 4 -4.62 24.88 2.89
N THR A 5 -4.78 24.85 1.55
CA THR A 5 -5.85 24.03 0.94
C THR A 5 -5.60 22.51 1.06
N SER A 6 -6.60 21.85 1.59
CA SER A 6 -6.56 20.44 1.87
C SER A 6 -6.98 19.61 0.70
N PRO A 7 -6.43 18.37 0.57
CA PRO A 7 -6.96 17.49 -0.46
C PRO A 7 -8.31 16.87 -0.08
N PHE A 8 -8.73 17.08 1.15
CA PHE A 8 -9.89 16.45 1.69
C PHE A 8 -11.21 17.28 1.52
N LYS A 9 -12.31 16.56 1.32
CA LYS A 9 -13.60 17.19 1.06
C LYS A 9 -14.50 17.09 2.31
N LEU A 10 -14.10 16.26 3.27
CA LEU A 10 -14.79 15.99 4.51
C LEU A 10 -13.89 16.48 5.65
N PRO A 11 -14.51 17.05 6.70
CA PRO A 11 -13.72 17.54 7.84
C PRO A 11 -13.30 16.37 8.73
N ASP A 12 -12.28 16.58 9.56
CA ASP A 12 -11.84 15.64 10.49
C ASP A 12 -12.87 15.23 11.56
N GLU A 13 -12.83 13.99 11.97
CA GLU A 13 -13.77 13.42 12.92
C GLU A 13 -13.08 12.64 14.00
N SER A 14 -11.87 13.01 14.36
CA SER A 14 -11.17 12.44 15.51
C SER A 14 -12.02 12.42 16.81
N PRO A 15 -12.17 11.25 17.44
CA PRO A 15 -12.93 11.30 18.71
C PRO A 15 -12.15 11.97 19.79
N SER A 16 -12.86 12.54 20.77
CA SER A 16 -12.24 12.97 21.97
C SER A 16 -11.78 11.73 22.80
N TRP A 17 -10.92 12.00 23.77
CA TRP A 17 -10.44 10.91 24.63
C TRP A 17 -11.60 10.28 25.38
N THR A 18 -12.56 11.09 25.87
CA THR A 18 -13.73 10.55 26.53
C THR A 18 -14.58 9.72 25.58
N GLU A 19 -14.77 10.18 24.35
CA GLU A 19 -15.65 9.42 23.44
C GLU A 19 -15.04 8.09 23.13
N TRP A 20 -13.73 8.09 22.88
CA TRP A 20 -12.94 6.88 22.72
C TRP A 20 -13.06 5.88 23.92
N ARG A 21 -12.87 6.38 25.14
CA ARG A 21 -13.08 5.53 26.38
C ARG A 21 -14.49 4.92 26.40
N LEU A 22 -15.49 5.73 26.07
CA LEU A 22 -16.87 5.22 26.07
C LEU A 22 -17.08 4.14 25.07
N HIS A 23 -16.56 4.30 23.88
CA HIS A 23 -16.69 3.30 22.83
C HIS A 23 -16.01 1.99 23.28
N ASN A 24 -14.84 2.14 23.85
CA ASN A 24 -14.11 1.02 24.44
C ASN A 24 -14.87 0.21 25.52
N ASP A 25 -15.54 0.89 26.43
CA ASP A 25 -16.39 0.23 27.44
C ASP A 25 -17.60 -0.47 26.84
N GLU A 26 -18.09 0.04 25.71
CA GLU A 26 -19.30 -0.47 25.03
C GLU A 26 -19.00 -1.68 24.17
N THR A 27 -17.83 -1.70 23.53
CA THR A 27 -17.36 -2.90 22.77
C THR A 27 -16.18 -3.58 23.46
N ASN A 30 -12.50 -3.96 21.50
CA ASN A 30 -12.30 -4.79 20.29
C ASN A 30 -11.78 -3.95 19.10
N GLN A 31 -10.65 -4.39 18.54
CA GLN A 31 -9.88 -3.66 17.49
C GLN A 31 -10.41 -3.87 16.06
N ASP A 32 -11.38 -4.77 15.95
CA ASP A 32 -12.06 -5.05 14.71
C ASP A 32 -13.27 -4.16 14.49
N ASN A 33 -13.67 -3.41 15.52
CA ASN A 33 -14.80 -2.46 15.45
C ASN A 33 -14.44 -1.11 16.09
N PRO A 34 -13.40 -0.45 15.53
CA PRO A 34 -13.03 0.88 15.89
C PRO A 34 -14.10 1.89 15.49
N LEU A 35 -13.91 3.12 15.88
CA LEU A 35 -14.87 4.16 15.47
C LEU A 35 -14.70 4.55 14.02
N GLY A 36 -13.51 4.37 13.44
CA GLY A 36 -13.34 4.62 11.99
C GLY A 36 -11.93 4.27 11.60
N PHE A 37 -11.35 5.03 10.68
CA PHE A 37 -10.06 4.76 10.11
C PHE A 37 -9.32 6.08 10.01
N LYS A 38 -8.00 6.02 9.79
CA LYS A 38 -7.19 7.19 9.61
C LYS A 38 -6.58 7.15 8.25
N GLU A 39 -6.53 8.29 7.58
CA GLU A 39 -5.88 8.37 6.25
C GLU A 39 -5.07 9.66 6.19
N SER A 40 -4.07 9.73 5.31
CA SER A 40 -3.30 10.96 5.21
C SER A 40 -2.84 11.19 3.77
N TRP A 41 -2.48 12.42 3.36
CA TRP A 41 -1.94 12.71 2.04
C TRP A 41 -0.71 13.62 2.24
N GLY A 42 0.42 13.22 1.71
CA GLY A 42 1.69 13.95 1.99
C GLY A 42 2.25 14.41 0.66
N PHE A 43 2.69 15.66 0.57
CA PHE A 43 3.30 16.24 -0.60
C PHE A 43 4.53 16.91 -0.11
N GLY A 44 5.70 16.43 -0.52
CA GLY A 44 6.96 16.95 -0.02
C GLY A 44 6.93 16.79 1.46
N LYS A 45 7.12 17.83 2.23
CA LYS A 45 7.09 17.68 3.69
C LYS A 45 5.75 18.06 4.35
N VAL A 46 4.75 18.43 3.59
CA VAL A 46 3.49 18.84 4.20
C VAL A 46 2.53 17.59 4.25
N VAL A 47 1.88 17.33 5.38
CA VAL A 47 0.94 16.22 5.47
C VAL A 47 -0.44 16.74 5.87
N PHE A 48 -1.45 16.15 5.28
CA PHE A 48 -2.81 16.41 5.65
C PHE A 48 -3.37 15.07 6.17
N LYS A 49 -4.06 15.13 7.30
CA LYS A 49 -4.55 13.90 7.95
C LYS A 49 -6.04 13.97 8.19
N ARG A 50 -6.69 12.80 8.22
CA ARG A 50 -8.08 12.71 8.66
C ARG A 50 -8.30 11.43 9.46
N TYR A 51 -9.10 11.53 10.51
CA TYR A 51 -9.79 10.41 11.15
C TYR A 51 -11.27 10.52 10.70
N LEU A 52 -11.79 9.46 10.10
CA LEU A 52 -13.17 9.38 9.55
C LEU A 52 -13.92 8.23 10.20
N ARG A 53 -15.20 8.48 10.53
CA ARG A 53 -16.06 7.49 11.11
C ARG A 53 -16.50 6.51 10.03
N TYR A 54 -16.53 5.26 10.36
CA TYR A 54 -16.81 4.21 9.41
C TYR A 54 -17.43 3.03 10.13
N ASP A 55 -18.53 2.49 9.62
CA ASP A 55 -19.23 1.41 10.37
C ASP A 55 -19.48 0.17 9.52
N ARG A 56 -18.76 0.09 8.38
CA ARG A 56 -18.78 -1.09 7.57
C ARG A 56 -20.06 -1.38 6.80
N THR A 57 -20.94 -0.39 6.68
CA THR A 57 -22.12 -0.48 5.83
C THR A 57 -21.82 0.14 4.50
N GLU A 58 -22.69 -0.17 3.54
CA GLU A 58 -22.57 0.32 2.15
C GLU A 58 -22.68 1.85 2.06
N ALA A 59 -23.68 2.42 2.78
CA ALA A 59 -23.84 3.85 2.91
C ALA A 59 -22.61 4.55 3.54
N SER A 60 -22.06 3.99 4.58
CA SER A 60 -20.82 4.56 5.21
C SER A 60 -19.62 4.51 4.29
N LEU A 61 -19.45 3.34 3.59
CA LEU A 61 -18.37 3.19 2.61
C LEU A 61 -18.46 4.26 1.52
N HIS A 62 -19.66 4.43 1.00
CA HIS A 62 -19.89 5.39 -0.04
C HIS A 62 -19.47 6.81 0.47
N ARG A 63 -19.95 7.16 1.67
CA ARG A 63 -19.65 8.46 2.30
C ARG A 63 -18.14 8.68 2.36
N VAL A 64 -17.40 7.74 2.98
CA VAL A 64 -15.93 7.99 3.20
C VAL A 64 -15.08 7.91 1.95
N LEU A 65 -15.53 7.17 0.92
CA LEU A 65 -14.85 7.14 -0.37
C LEU A 65 -14.93 8.52 -1.07
N GLY A 66 -15.92 9.29 -0.62
CA GLY A 66 -15.98 10.61 -1.07
C GLY A 66 -15.09 11.60 -0.32
N SER A 67 -14.14 11.16 0.52
CA SER A 67 -13.37 12.17 1.26
C SER A 67 -12.25 12.83 0.46
N TRP A 68 -11.84 12.23 -0.64
CA TRP A 68 -10.96 12.90 -1.57
C TRP A 68 -11.25 12.36 -2.96
N THR A 69 -10.85 13.07 -3.98
CA THR A 69 -10.89 12.57 -5.36
C THR A 69 -9.53 12.90 -6.02
N GLY A 70 -9.31 12.40 -7.23
CA GLY A 70 -8.15 12.69 -8.06
C GLY A 70 -8.03 14.23 -8.25
N ASP A 71 -9.15 14.90 -8.52
CA ASP A 71 -9.12 16.38 -8.63
C ASP A 71 -8.76 17.15 -7.34
N SER A 72 -9.35 16.77 -6.21
CA SER A 72 -9.09 17.47 -4.93
C SER A 72 -7.67 17.23 -4.48
N VAL A 73 -7.14 16.04 -4.75
CA VAL A 73 -5.78 15.77 -4.53
C VAL A 73 -4.85 16.59 -5.45
N ASN A 74 -5.15 16.63 -6.76
CA ASN A 74 -4.29 17.42 -7.67
C ASN A 74 -4.33 18.93 -7.33
N TYR A 75 -5.50 19.39 -6.88
CA TYR A 75 -5.57 20.81 -6.52
C TYR A 75 -4.71 21.15 -5.36
N ALA A 76 -4.74 20.32 -4.33
CA ALA A 76 -3.98 20.53 -3.12
C ALA A 76 -2.45 20.42 -3.37
N ALA A 77 -2.10 19.40 -4.18
CA ALA A 77 -0.72 19.02 -4.47
C ALA A 77 0.04 20.04 -5.30
N SER A 78 -0.66 20.52 -6.31
CA SER A 78 -0.04 21.41 -7.29
C SER A 78 0.51 22.69 -6.63
N ARG A 79 -0.05 23.12 -5.50
CA ARG A 79 0.45 24.22 -4.68
C ARG A 79 1.98 24.09 -4.43
N PHE A 80 2.43 22.85 -4.34
CA PHE A 80 3.79 22.48 -3.88
C PHE A 80 4.68 22.10 -5.07
N PHE A 81 4.16 22.15 -6.30
CA PHE A 81 4.90 21.73 -7.50
C PHE A 81 5.84 22.76 -8.11
N GLY A 82 6.80 22.24 -8.81
CA GLY A 82 7.74 22.99 -9.61
C GLY A 82 8.50 22.08 -10.55
N PHE A 83 9.67 22.52 -11.03
CA PHE A 83 10.48 21.76 -11.99
C PHE A 83 10.94 20.38 -11.45
N ASP A 84 11.43 20.34 -10.22
CA ASP A 84 11.82 19.06 -9.64
C ASP A 84 10.61 18.36 -9.04
N GLN A 85 10.64 17.06 -9.17
CA GLN A 85 9.65 16.21 -8.53
C GLN A 85 9.74 16.35 -7.02
N ILE A 86 8.61 16.14 -6.34
CA ILE A 86 8.56 15.94 -4.91
C ILE A 86 7.92 14.57 -4.64
N GLY A 87 8.15 14.02 -3.47
CA GLY A 87 7.48 12.77 -3.08
C GLY A 87 6.08 13.01 -2.52
N CYS A 88 5.20 12.11 -2.89
CA CYS A 88 3.82 12.13 -2.63
C CYS A 88 3.45 10.75 -2.06
N THR A 89 2.58 10.74 -1.03
CA THR A 89 2.26 9.52 -0.28
C THR A 89 0.87 9.61 0.24
N TYR A 90 0.11 8.54 -0.04
CA TYR A 90 -1.15 8.34 0.58
C TYR A 90 -0.98 7.23 1.58
N SER A 91 -1.53 7.38 2.77
CA SER A 91 -1.57 6.27 3.63
C SER A 91 -2.93 6.11 4.27
N ILE A 92 -3.28 4.87 4.55
CA ILE A 92 -4.52 4.59 5.29
C ILE A 92 -4.18 3.47 6.32
N ARG A 93 -4.84 3.53 7.47
CA ARG A 93 -4.76 2.48 8.51
C ARG A 93 -6.14 2.06 9.03
N PHE A 94 -6.45 0.76 8.97
CA PHE A 94 -7.72 0.26 9.48
C PHE A 94 -7.52 -1.14 9.98
N ARG A 95 -8.03 -1.41 11.17
CA ARG A 95 -7.99 -2.74 11.79
C ARG A 95 -6.57 -3.34 11.88
N GLY A 96 -5.57 -2.53 12.24
CA GLY A 96 -4.25 -3.06 12.39
C GLY A 96 -3.41 -3.19 11.11
N VAL A 97 -3.97 -2.85 9.95
CA VAL A 97 -3.22 -2.84 8.72
C VAL A 97 -3.04 -1.43 8.14
N SER A 98 -1.80 -1.11 7.74
CA SER A 98 -1.47 0.12 7.07
C SER A 98 -1.17 -0.19 5.64
N ILE A 99 -1.75 0.59 4.75
CA ILE A 99 -1.30 0.60 3.36
C ILE A 99 -0.71 1.98 3.08
N THR A 100 0.40 2.02 2.35
CA THR A 100 0.96 3.28 1.92
C THR A 100 1.18 3.16 0.35
N VAL A 101 0.88 4.24 -0.35
CA VAL A 101 1.05 4.33 -1.81
C VAL A 101 1.85 5.58 -2.06
N SER A 102 3.03 5.43 -2.59
CA SER A 102 3.87 6.59 -2.89
C SER A 102 4.63 6.59 -4.18
N GLY A 103 5.12 7.78 -4.51
CA GLY A 103 5.89 7.95 -5.75
C GLY A 103 6.10 9.44 -5.96
N GLY A 104 6.56 9.80 -7.15
CA GLY A 104 6.89 11.16 -7.35
C GLY A 104 5.72 11.92 -7.84
N SER A 105 5.83 13.24 -7.81
CA SER A 105 4.67 14.07 -8.28
C SER A 105 4.31 13.84 -9.75
N ARG A 106 5.25 13.34 -10.55
CA ARG A 106 4.97 13.00 -11.95
C ARG A 106 4.04 11.80 -12.09
N THR A 107 3.89 11.01 -11.04
CA THR A 107 3.02 9.87 -11.12
C THR A 107 1.70 10.03 -10.31
N LEU A 108 1.35 11.27 -9.90
CA LEU A 108 0.18 11.52 -9.01
C LEU A 108 -1.16 10.84 -9.43
N GLN A 109 -1.52 10.97 -10.70
CA GLN A 109 -2.72 10.32 -11.23
C GLN A 109 -2.73 8.82 -10.89
N HIS A 110 -1.63 8.14 -11.20
CA HIS A 110 -1.45 6.72 -10.92
C HIS A 110 -1.49 6.44 -9.40
N LEU A 111 -0.82 7.30 -8.63
CA LEU A 111 -0.94 7.22 -7.21
C LEU A 111 -2.40 7.28 -6.71
N CYS A 112 -3.21 8.22 -7.21
CA CYS A 112 -4.58 8.40 -6.80
C CYS A 112 -5.38 7.16 -7.21
N GLU A 113 -5.15 6.67 -8.42
CA GLU A 113 -5.88 5.42 -8.85
C GLU A 113 -5.58 4.23 -7.95
N MET A 114 -4.35 4.11 -7.48
CA MET A 114 -3.98 2.99 -6.67
C MET A 114 -4.50 3.28 -5.26
N ALA A 115 -4.38 4.53 -4.78
CA ALA A 115 -4.80 4.92 -3.43
C ALA A 115 -6.27 4.56 -3.21
N ILE A 116 -7.11 4.91 -4.19
CA ILE A 116 -8.55 4.69 -4.10
C ILE A 116 -8.92 3.23 -4.04
N ARG A 117 -8.27 2.44 -4.89
CA ARG A 117 -8.43 0.99 -4.84
C ARG A 117 -7.96 0.38 -3.50
N SER A 118 -6.79 0.80 -2.97
CA SER A 118 -6.33 0.29 -1.69
C SER A 118 -7.35 0.61 -0.59
N LYS A 119 -7.87 1.82 -0.64
CA LYS A 119 -8.77 2.30 0.40
C LYS A 119 -10.05 1.44 0.37
N GLN A 120 -10.61 1.26 -0.80
CA GLN A 120 -11.81 0.42 -0.88
C GLN A 120 -11.60 -1.02 -0.45
N GLU A 121 -10.46 -1.61 -0.85
CA GLU A 121 -10.16 -2.98 -0.50
C GLU A 121 -9.91 -3.16 0.96
N LEU A 122 -9.21 -2.21 1.59
CA LEU A 122 -8.98 -2.31 2.98
C LEU A 122 -10.26 -2.11 3.83
N LEU A 123 -11.08 -1.19 3.40
CA LEU A 123 -12.29 -0.90 4.20
C LEU A 123 -13.33 -2.04 4.03
N GLN A 124 -13.20 -2.80 2.97
CA GLN A 124 -14.04 -4.01 2.76
C GLN A 124 -13.40 -5.31 3.25
N LEU A 125 -12.23 -5.21 3.90
CA LEU A 125 -11.54 -6.35 4.53
C LEU A 125 -12.51 -7.23 5.34
N ALA A 126 -12.72 -8.49 4.94
CA ALA A 126 -13.59 -9.37 5.73
C ALA A 126 -13.00 -9.52 7.14
N PRO A 127 -13.84 -9.44 8.17
CA PRO A 127 -13.27 -9.74 9.49
C PRO A 127 -13.05 -11.24 9.63
N SER B 2 23.68 -18.18 7.37
CA SER B 2 22.61 -18.87 8.17
C SER B 2 21.38 -19.28 7.34
N HIS B 3 21.60 -19.50 6.03
CA HIS B 3 20.58 -19.84 5.02
C HIS B 3 19.14 -19.92 5.56
N MET B 4 18.33 -18.95 5.16
CA MET B 4 16.97 -18.78 5.66
C MET B 4 15.93 -19.33 4.67
N THR B 5 14.80 -19.89 5.14
CA THR B 5 13.67 -20.18 4.25
C THR B 5 12.99 -18.84 3.81
N SER B 6 12.84 -18.66 2.53
CA SER B 6 12.26 -17.46 2.00
C SER B 6 10.77 -17.71 1.79
N PRO B 7 9.99 -16.63 1.83
CA PRO B 7 8.56 -16.73 1.52
C PRO B 7 8.26 -16.94 0.03
N PHE B 8 9.28 -16.71 -0.79
CA PHE B 8 9.16 -16.80 -2.21
C PHE B 8 9.24 -18.22 -2.81
N LYS B 9 8.43 -18.46 -3.85
CA LYS B 9 8.32 -19.75 -4.52
C LYS B 9 8.94 -19.66 -5.97
N LEU B 10 9.50 -18.50 -6.32
CA LEU B 10 10.19 -18.28 -7.57
C LEU B 10 11.55 -17.63 -7.24
N PRO B 11 12.59 -18.00 -7.98
CA PRO B 11 13.90 -17.42 -7.76
C PRO B 11 13.98 -15.99 -8.32
N ASP B 12 14.88 -15.20 -7.75
CA ASP B 12 15.19 -13.91 -8.20
C ASP B 12 15.59 -13.84 -9.69
N GLU B 13 15.09 -12.84 -10.40
CA GLU B 13 15.45 -12.62 -11.79
C GLU B 13 16.09 -11.27 -12.12
N SER B 14 16.78 -10.66 -11.15
CA SER B 14 17.47 -9.34 -11.39
C SER B 14 18.28 -9.32 -12.65
N PRO B 15 18.10 -8.31 -13.50
CA PRO B 15 18.98 -8.30 -14.68
C PRO B 15 20.40 -7.89 -14.33
N SER B 16 21.37 -8.40 -15.07
CA SER B 16 22.70 -7.87 -15.02
C SER B 16 22.70 -6.38 -15.48
N TRP B 17 23.74 -5.68 -15.11
CA TRP B 17 23.89 -4.30 -15.61
C TRP B 17 23.92 -4.25 -17.14
N THR B 18 24.55 -5.22 -17.80
CA THR B 18 24.57 -5.23 -19.28
C THR B 18 23.21 -5.46 -19.87
N GLU B 19 22.47 -6.42 -19.31
CA GLU B 19 21.12 -6.71 -19.81
C GLU B 19 20.23 -5.50 -19.64
N TRP B 20 20.37 -4.82 -18.51
CA TRP B 20 19.63 -3.62 -18.28
C TRP B 20 19.96 -2.51 -19.33
N ARG B 21 21.23 -2.25 -19.56
CA ARG B 21 21.65 -1.28 -20.64
C ARG B 21 21.04 -1.65 -21.99
N LEU B 22 21.12 -2.94 -22.36
CA LEU B 22 20.55 -3.40 -23.64
C LEU B 22 19.06 -3.16 -23.72
N HIS B 23 18.33 -3.42 -22.65
CA HIS B 23 16.89 -3.21 -22.66
C HIS B 23 16.58 -1.71 -22.87
N ASN B 24 17.37 -0.89 -22.20
CA ASN B 24 17.28 0.58 -22.32
C ASN B 24 17.55 1.16 -23.73
N ASP B 25 18.52 0.60 -24.47
CA ASP B 25 18.79 0.99 -25.85
C ASP B 25 17.68 0.52 -26.82
N GLU B 26 16.98 -0.56 -26.45
CA GLU B 26 15.92 -1.19 -27.27
C GLU B 26 14.62 -0.47 -27.10
N THR B 27 14.31 -0.03 -25.88
CA THR B 27 13.10 0.79 -25.61
C THR B 27 13.45 2.25 -25.27
N ASN B 30 12.30 3.88 -21.58
CA ASN B 30 10.92 4.13 -21.20
C ASN B 30 10.54 3.39 -19.91
N GLN B 31 10.09 4.15 -18.90
CA GLN B 31 9.84 3.67 -17.52
C GLN B 31 8.51 2.95 -17.35
N ASP B 32 7.69 3.00 -18.41
CA ASP B 32 6.42 2.31 -18.44
C ASP B 32 6.55 0.89 -18.97
N ASN B 33 7.73 0.51 -19.47
CA ASN B 33 8.00 -0.86 -19.96
C ASN B 33 9.38 -1.37 -19.48
N PRO B 34 9.57 -1.40 -18.12
CA PRO B 34 10.69 -2.08 -17.48
C PRO B 34 10.70 -3.57 -17.75
N LEU B 35 11.75 -4.22 -17.34
CA LEU B 35 11.84 -5.66 -17.49
C LEU B 35 10.89 -6.38 -16.54
N GLY B 36 10.51 -5.75 -15.45
CA GLY B 36 9.56 -6.41 -14.51
C GLY B 36 9.28 -5.55 -13.30
N PHE B 37 9.19 -6.17 -12.11
CA PHE B 37 8.85 -5.45 -10.89
C PHE B 37 9.66 -5.96 -9.71
N LYS B 38 9.71 -5.19 -8.61
CA LYS B 38 10.35 -5.57 -7.40
C LYS B 38 9.34 -5.74 -6.33
N GLU B 39 9.55 -6.74 -5.48
CA GLU B 39 8.67 -7.00 -4.33
C GLU B 39 9.54 -7.46 -3.18
N SER B 40 9.09 -7.26 -1.96
CA SER B 40 9.81 -7.75 -0.81
C SER B 40 8.86 -8.19 0.32
N TRP B 41 9.29 -9.11 1.21
CA TRP B 41 8.65 -9.41 2.46
C TRP B 41 9.66 -9.20 3.60
N GLY B 42 9.23 -8.52 4.65
CA GLY B 42 10.06 -8.21 5.83
C GLY B 42 9.30 -8.75 7.06
N PHE B 43 9.99 -9.43 7.95
CA PHE B 43 9.53 -9.88 9.21
C PHE B 43 10.58 -9.48 10.25
N GLY B 44 10.23 -8.62 11.20
CA GLY B 44 11.15 -8.01 12.12
C GLY B 44 12.24 -7.30 11.36
N LYS B 45 13.49 -7.75 11.45
CA LYS B 45 14.58 -7.06 10.76
C LYS B 45 15.11 -7.87 9.59
N VAL B 46 14.46 -8.95 9.24
CA VAL B 46 14.92 -9.76 8.11
C VAL B 46 14.05 -9.43 6.87
N VAL B 47 14.68 -9.21 5.73
CA VAL B 47 13.94 -8.90 4.48
C VAL B 47 14.30 -9.84 3.33
N PHE B 48 13.31 -10.34 2.62
CA PHE B 48 13.51 -11.18 1.46
C PHE B 48 12.98 -10.39 0.25
N LYS B 49 13.77 -10.32 -0.81
CA LYS B 49 13.48 -9.44 -1.98
C LYS B 49 13.50 -10.21 -3.28
N ARG B 50 12.67 -9.78 -4.25
CA ARG B 50 12.69 -10.39 -5.58
C ARG B 50 12.53 -9.32 -6.68
N TYR B 51 13.32 -9.44 -7.75
CA TYR B 51 13.03 -8.79 -9.04
C TYR B 51 12.40 -9.87 -9.93
N LEU B 52 11.21 -9.65 -10.45
CA LEU B 52 10.50 -10.64 -11.36
C LEU B 52 10.12 -10.04 -12.72
N ARG B 53 10.45 -10.77 -13.78
CA ARG B 53 10.17 -10.31 -15.10
C ARG B 53 8.67 -10.39 -15.24
N TYR B 54 8.13 -9.41 -15.90
CA TYR B 54 6.74 -9.22 -16.06
C TYR B 54 6.53 -8.41 -17.30
N ASP B 55 5.67 -8.87 -18.20
CA ASP B 55 5.51 -8.22 -19.52
C ASP B 55 4.12 -7.72 -19.82
N ARG B 56 3.24 -7.73 -18.80
CA ARG B 56 1.89 -7.26 -18.90
C ARG B 56 0.90 -8.10 -19.69
N THR B 57 1.18 -9.37 -19.86
CA THR B 57 0.25 -10.30 -20.43
C THR B 57 -0.41 -11.09 -19.35
N GLU B 58 -1.47 -11.77 -19.72
CA GLU B 58 -2.26 -12.61 -18.78
C GLU B 58 -1.42 -13.77 -18.20
N ALA B 59 -0.71 -14.49 -19.08
CA ALA B 59 0.21 -15.53 -18.70
C ALA B 59 1.28 -15.07 -17.70
N SER B 60 1.87 -13.92 -17.98
CA SER B 60 2.94 -13.38 -17.14
C SER B 60 2.34 -12.94 -15.82
N LEU B 61 1.13 -12.34 -15.83
CA LEU B 61 0.49 -11.97 -14.58
C LEU B 61 0.30 -13.17 -13.67
N HIS B 62 -0.15 -14.25 -14.28
CA HIS B 62 -0.49 -15.46 -13.54
C HIS B 62 0.81 -16.02 -12.91
N ARG B 63 1.89 -16.06 -13.69
CA ARG B 63 3.20 -16.58 -13.25
C ARG B 63 3.72 -15.80 -12.02
N VAL B 64 3.72 -14.48 -12.09
CA VAL B 64 4.31 -13.69 -10.95
C VAL B 64 3.37 -13.61 -9.75
N LEU B 65 2.05 -13.70 -9.96
CA LEU B 65 1.13 -13.86 -8.85
C LEU B 65 1.42 -15.11 -8.06
N GLY B 66 2.07 -16.09 -8.72
CA GLY B 66 2.41 -17.29 -8.02
C GLY B 66 3.69 -17.23 -7.20
N SER B 67 4.33 -16.05 -7.14
CA SER B 67 5.64 -16.02 -6.44
C SER B 67 5.60 -16.18 -4.91
N TRP B 68 4.44 -15.97 -4.28
CA TRP B 68 4.30 -16.25 -2.88
C TRP B 68 2.81 -16.44 -2.65
N THR B 69 2.50 -17.19 -1.60
CA THR B 69 1.15 -17.45 -1.16
C THR B 69 1.08 -17.18 0.34
N GLY B 70 -0.14 -17.19 0.87
CA GLY B 70 -0.40 -17.00 2.30
C GLY B 70 0.35 -18.10 3.06
N ASP B 71 0.24 -19.31 2.57
CA ASP B 71 0.98 -20.39 3.18
C ASP B 71 2.49 -20.26 3.18
N SER B 72 3.09 -19.78 2.07
CA SER B 72 4.56 -19.68 1.97
C SER B 72 5.06 -18.51 2.79
N VAL B 73 4.24 -17.45 2.88
CA VAL B 73 4.54 -16.35 3.75
C VAL B 73 4.47 -16.79 5.24
N ASN B 74 3.43 -17.48 5.62
CA ASN B 74 3.32 -17.93 7.00
C ASN B 74 4.50 -18.83 7.41
N TYR B 75 4.88 -19.70 6.48
CA TYR B 75 5.96 -20.63 6.75
C TYR B 75 7.26 -19.94 6.95
N ALA B 76 7.54 -18.92 6.20
CA ALA B 76 8.81 -18.24 6.30
C ALA B 76 8.77 -17.31 7.53
N ALA B 77 7.66 -16.59 7.69
CA ALA B 77 7.45 -15.66 8.83
C ALA B 77 7.51 -16.29 10.23
N SER B 78 6.87 -17.42 10.35
CA SER B 78 6.75 -18.11 11.68
C SER B 78 8.10 -18.54 12.26
N ARG B 79 9.17 -18.48 11.45
CA ARG B 79 10.50 -18.79 11.95
C ARG B 79 10.94 -17.71 12.95
N PHE B 80 10.37 -16.53 12.82
CA PHE B 80 10.74 -15.32 13.56
C PHE B 80 9.76 -14.98 14.68
N PHE B 81 8.73 -15.81 14.88
CA PHE B 81 7.67 -15.50 15.87
C PHE B 81 7.97 -15.95 17.30
N GLY B 82 7.32 -15.28 18.21
CA GLY B 82 7.26 -15.64 19.60
C GLY B 82 6.10 -14.92 20.29
N PHE B 83 6.23 -14.68 21.60
CA PHE B 83 5.17 -14.04 22.39
C PHE B 83 4.90 -12.61 21.98
N ASP B 84 5.95 -11.84 21.73
CA ASP B 84 5.73 -10.48 21.29
C ASP B 84 5.54 -10.39 19.79
N GLN B 85 4.65 -9.50 19.40
CA GLN B 85 4.43 -9.21 17.99
C GLN B 85 5.69 -8.62 17.39
N ILE B 86 5.93 -8.88 16.10
CA ILE B 86 7.02 -8.23 15.35
C ILE B 86 6.30 -7.52 14.23
N GLY B 87 6.97 -6.58 13.57
CA GLY B 87 6.42 -5.98 12.33
C GLY B 87 6.65 -6.83 11.07
N CYS B 88 5.69 -6.76 10.17
CA CYS B 88 5.68 -7.45 8.94
C CYS B 88 5.22 -6.49 7.83
N THR B 89 5.94 -6.51 6.70
CA THR B 89 5.78 -5.61 5.60
C THR B 89 5.96 -6.31 4.29
N TYR B 90 4.91 -6.22 3.44
CA TYR B 90 5.05 -6.46 2.06
C TYR B 90 5.27 -5.15 1.33
N SER B 91 6.15 -5.12 0.34
CA SER B 91 6.26 -3.97 -0.48
C SER B 91 6.46 -4.31 -1.94
N ILE B 92 5.95 -3.48 -2.83
CA ILE B 92 6.06 -3.75 -4.24
C ILE B 92 6.28 -2.39 -4.96
N ARG B 93 7.11 -2.43 -6.00
CA ARG B 93 7.34 -1.26 -6.85
C ARG B 93 7.21 -1.55 -8.36
N PHE B 94 6.36 -0.80 -9.06
CA PHE B 94 6.22 -0.96 -10.52
C PHE B 94 5.86 0.37 -11.12
N ARG B 95 6.54 0.72 -12.21
CA ARG B 95 6.25 1.92 -13.02
C ARG B 95 6.21 3.23 -12.18
N GLY B 96 7.12 3.37 -11.24
CA GLY B 96 7.13 4.55 -10.45
C GLY B 96 6.26 4.61 -9.21
N VAL B 97 5.43 3.58 -8.98
CA VAL B 97 4.60 3.48 -7.81
C VAL B 97 4.99 2.35 -6.84
N SER B 98 5.14 2.68 -5.54
CA SER B 98 5.41 1.77 -4.45
C SER B 98 4.19 1.62 -3.60
N ILE B 99 3.79 0.39 -3.36
CA ILE B 99 2.71 0.14 -2.43
C ILE B 99 3.31 -0.66 -1.25
N THR B 100 3.02 -0.25 -0.03
CA THR B 100 3.48 -1.04 1.07
C THR B 100 2.24 -1.45 1.89
N VAL B 101 2.30 -2.65 2.43
CA VAL B 101 1.26 -3.19 3.30
C VAL B 101 2.00 -3.66 4.54
N SER B 102 1.76 -3.02 5.67
CA SER B 102 2.32 -3.51 6.98
C SER B 102 1.44 -3.56 8.21
N GLY B 103 1.85 -4.40 9.16
CA GLY B 103 1.10 -4.56 10.45
C GLY B 103 1.85 -5.55 11.31
N GLY B 104 1.26 -5.88 12.46
CA GLY B 104 1.95 -6.78 13.32
C GLY B 104 1.78 -8.18 12.88
N SER B 105 2.61 -9.12 13.41
CA SER B 105 2.48 -10.56 13.06
C SER B 105 1.14 -11.21 13.40
N ARG B 106 0.38 -10.63 14.33
CA ARG B 106 -0.95 -11.13 14.62
C ARG B 106 -1.94 -10.86 13.49
N THR B 107 -1.60 -9.99 12.57
CA THR B 107 -2.49 -9.66 11.50
C THR B 107 -1.99 -10.21 10.13
N LEU B 108 -1.04 -11.16 10.16
CA LEU B 108 -0.41 -11.65 8.91
C LEU B 108 -1.36 -12.14 7.78
N GLN B 109 -2.43 -12.83 8.16
CA GLN B 109 -3.38 -13.33 7.18
C GLN B 109 -4.06 -12.15 6.44
N HIS B 110 -4.46 -11.14 7.20
CA HIS B 110 -5.04 -9.93 6.63
C HIS B 110 -4.01 -9.16 5.80
N LEU B 111 -2.79 -9.09 6.28
CA LEU B 111 -1.76 -8.48 5.52
C LEU B 111 -1.61 -9.17 4.13
N CYS B 112 -1.56 -10.52 4.09
CA CYS B 112 -1.36 -11.27 2.87
C CYS B 112 -2.50 -11.02 1.88
N GLU B 113 -3.71 -10.97 2.41
CA GLU B 113 -4.89 -10.69 1.59
C GLU B 113 -4.86 -9.28 1.00
N MET B 114 -4.34 -8.31 1.74
CA MET B 114 -4.25 -6.98 1.21
C MET B 114 -3.01 -6.89 0.27
N ALA B 115 -1.93 -7.61 0.59
CA ALA B 115 -0.72 -7.60 -0.23
C ALA B 115 -1.01 -8.16 -1.65
N ILE B 116 -1.75 -9.25 -1.73
CA ILE B 116 -2.10 -9.92 -3.02
C ILE B 116 -2.99 -9.07 -3.92
N ARG B 117 -3.98 -8.43 -3.31
CA ARG B 117 -4.86 -7.54 -4.04
C ARG B 117 -4.09 -6.30 -4.57
N SER B 118 -3.19 -5.73 -3.71
CA SER B 118 -2.37 -4.60 -4.13
C SER B 118 -1.46 -4.96 -5.31
N LYS B 119 -0.90 -6.14 -5.24
CA LYS B 119 0.08 -6.61 -6.21
C LYS B 119 -0.69 -6.76 -7.55
N GLN B 120 -1.84 -7.40 -7.49
CA GLN B 120 -2.60 -7.59 -8.74
C GLN B 120 -3.04 -6.25 -9.36
N GLU B 121 -3.54 -5.34 -8.51
CA GLU B 121 -4.03 -4.07 -8.98
C GLU B 121 -2.90 -3.24 -9.53
N LEU B 122 -1.74 -3.28 -8.87
CA LEU B 122 -0.67 -2.51 -9.37
C LEU B 122 -0.17 -3.08 -10.72
N LEU B 123 0.00 -4.37 -10.78
CA LEU B 123 0.47 -4.96 -12.03
C LEU B 123 -0.51 -4.77 -13.21
N GLN B 124 -1.77 -4.54 -12.93
CA GLN B 124 -2.77 -4.26 -13.96
C GLN B 124 -3.03 -2.76 -14.14
N LEU B 125 -2.20 -1.92 -13.55
CA LEU B 125 -2.27 -0.46 -13.71
C LEU B 125 -2.34 -0.10 -15.21
N ALA B 126 -3.42 0.54 -15.67
CA ALA B 126 -3.47 0.96 -17.07
C ALA B 126 -2.34 1.97 -17.33
N PRO B 127 -1.61 1.81 -18.45
CA PRO B 127 -0.68 2.88 -18.77
C PRO B 127 -1.40 4.12 -19.27
#